data_7BA6
#
_entry.id   7BA6
#
_cell.length_a   81.570
_cell.length_b   112.104
_cell.length_c   62.257
_cell.angle_alpha   90.000
_cell.angle_beta   90.000
_cell.angle_gamma   90.000
#
_symmetry.space_group_name_H-M   'C 2 2 21'
#
loop_
_entity.id
_entity.type
_entity.pdbx_description
1 polymer '14-3-3 protein sigma'
2 polymer 'Estrogen receptor'
3 non-polymer 'MAGNESIUM ION'
4 non-polymer 2-[3,5-bis(fluoranyl)phenoxy]-2-methyl-~{N}-(2-sulfanylethyl)propanamide
5 water water
#
loop_
_entity_poly.entity_id
_entity_poly.type
_entity_poly.pdbx_seq_one_letter_code
_entity_poly.pdbx_strand_id
1 'polypeptide(L)'
;GAMGSMERASLIQKAKLAEQAERYEDMAAFMKGAVEKGEELSNEERCLLSVAYKNVVGGQRAAWRVLSSIEQKSNEEGSE
EKGPEVREYREKVETELQGVCDTVLGLLDSHLIKEAGDAESRVFYLKMKGDYYRYLAEVATGDDKKRIIDSARSAYQEAM
DISKKEMPPTNPIRLGLALNFSVFHYEIANSPEEAISLAKTTFDEAMADLHTLSEDSYKDSTLIMQLLRDNLTLWT
;
A
2 'polypeptide(L)' AEGFPA(TPO)V B
#
loop_
_chem_comp.id
_chem_comp.type
_chem_comp.name
_chem_comp.formula
MG non-polymer 'MAGNESIUM ION' 'Mg 2'
T5Q non-polymer 2-[3,5-bis(fluoranyl)phenoxy]-2-methyl-~{N}-(2-sulfanylethyl)propanamide 'C12 H15 F2 N O2 S'
#
# COMPACT_ATOMS: atom_id res chain seq x y z
N GLY A 1 22.99 -8.69 3.35
CA GLY A 1 21.92 -8.26 4.23
C GLY A 1 22.31 -8.56 5.65
N ALA A 2 22.00 -7.62 6.57
CA ALA A 2 22.29 -7.87 7.98
C ALA A 2 21.49 -9.04 8.54
N MET A 3 20.46 -9.50 7.83
CA MET A 3 19.70 -10.67 8.24
C MET A 3 20.13 -11.95 7.57
N GLY A 4 21.18 -11.92 6.75
CA GLY A 4 21.62 -13.09 6.03
C GLY A 4 22.00 -14.28 6.89
N SER A 5 22.47 -14.04 8.11
CA SER A 5 22.86 -15.15 8.96
C SER A 5 21.74 -15.72 9.84
N MET A 6 20.53 -15.14 9.79
CA MET A 6 19.45 -15.62 10.63
C MET A 6 18.55 -16.56 9.83
N GLU A 7 18.15 -17.66 10.49
CA GLU A 7 17.21 -18.62 9.91
C GLU A 7 15.91 -17.95 9.44
N ARG A 8 15.39 -18.41 8.30
CA ARG A 8 14.11 -17.90 7.82
C ARG A 8 13.03 -17.98 8.90
N ALA A 9 12.89 -19.14 9.56
CA ALA A 9 11.81 -19.30 10.50
C ALA A 9 12.00 -18.37 11.69
N SER A 10 13.26 -18.09 12.06
CA SER A 10 13.52 -17.17 13.18
C SER A 10 13.19 -15.73 12.78
N LEU A 11 13.42 -15.38 11.50
CA LEU A 11 13.03 -14.05 11.02
C LEU A 11 11.52 -13.88 11.10
N ILE A 12 10.77 -14.87 10.65
CA ILE A 12 9.30 -14.82 10.75
C ILE A 12 8.83 -14.75 12.19
N GLN A 13 9.41 -15.56 13.09
CA GLN A 13 9.03 -15.50 14.49
C GLN A 13 9.30 -14.12 15.06
N LYS A 14 10.48 -13.56 14.75
CA LYS A 14 10.79 -12.22 15.27
C LYS A 14 9.92 -11.14 14.64
N ALA A 15 9.51 -11.27 13.36
CA ALA A 15 8.58 -10.30 12.82
C ALA A 15 7.25 -10.30 13.60
N LYS A 16 6.79 -11.47 14.01
CA LYS A 16 5.56 -11.55 14.80
C LYS A 16 5.74 -10.92 16.17
N LEU A 17 6.90 -11.14 16.80
CA LEU A 17 7.20 -10.51 18.09
C LEU A 17 7.26 -8.99 17.92
N ALA A 18 7.93 -8.51 16.88
CA ALA A 18 8.06 -7.07 16.64
C ALA A 18 6.67 -6.46 16.44
N GLU A 19 5.78 -7.14 15.73
CA GLU A 19 4.42 -6.65 15.60
C GLU A 19 3.74 -6.49 16.96
N GLN A 20 3.85 -7.51 17.81
CA GLN A 20 3.24 -7.43 19.15
C GLN A 20 3.80 -6.27 19.93
N ALA A 21 5.08 -5.94 19.73
CA ALA A 21 5.74 -4.85 20.43
C ALA A 21 5.60 -3.51 19.71
N GLU A 22 4.85 -3.47 18.61
CA GLU A 22 4.69 -2.26 17.80
C GLU A 22 6.02 -1.66 17.33
N ARG A 23 6.96 -2.53 16.98
CA ARG A 23 8.29 -2.15 16.49
C ARG A 23 8.29 -2.44 14.99
N TYR A 24 7.64 -1.56 14.25
CA TYR A 24 7.36 -1.83 12.87
C TYR A 24 8.60 -1.75 11.97
N GLU A 25 9.56 -0.89 12.29
CA GLU A 25 10.82 -0.87 11.56
C GLU A 25 11.54 -2.20 11.69
N ASP A 26 11.64 -2.75 12.92
CA ASP A 26 12.23 -4.06 13.08
C ASP A 26 11.43 -5.08 12.33
N MET A 27 10.10 -5.01 12.41
CA MET A 27 9.26 -6.00 11.73
C MET A 27 9.55 -6.02 10.24
N ALA A 28 9.70 -4.83 9.65
CA ALA A 28 9.98 -4.74 8.22
C ALA A 28 11.38 -5.26 7.90
N ALA A 29 12.37 -4.97 8.77
CA ALA A 29 13.71 -5.50 8.50
C ALA A 29 13.71 -7.04 8.59
N PHE A 30 12.98 -7.63 9.55
CA PHE A 30 12.91 -9.09 9.65
C PHE A 30 12.24 -9.66 8.40
N MET A 31 11.16 -9.04 7.91
CA MET A 31 10.46 -9.57 6.74
C MET A 31 11.27 -9.39 5.48
N LYS A 32 12.02 -8.28 5.34
CA LYS A 32 12.92 -8.14 4.21
C LYS A 32 13.95 -9.27 4.22
N GLY A 33 14.48 -9.58 5.44
CA GLY A 33 15.41 -10.71 5.53
C GLY A 33 14.75 -12.00 5.08
N ALA A 34 13.50 -12.24 5.49
CA ALA A 34 12.83 -13.49 5.12
C ALA A 34 12.61 -13.56 3.61
N VAL A 35 12.17 -12.45 2.98
CA VAL A 35 12.02 -12.46 1.52
C VAL A 35 13.32 -12.78 0.84
N GLU A 36 14.42 -12.16 1.32
CA GLU A 36 15.73 -12.36 0.69
C GLU A 36 16.28 -13.78 0.86
N LYS A 37 15.62 -14.67 1.59
CA LYS A 37 16.00 -16.07 1.59
C LYS A 37 15.69 -16.72 0.27
N GLY A 38 14.81 -16.12 -0.54
CA GLY A 38 14.59 -16.57 -1.91
C GLY A 38 13.40 -17.50 -2.09
N GLU A 39 12.82 -18.00 -1.00
CA GLU A 39 11.63 -18.86 -1.09
C GLU A 39 10.36 -18.01 -1.23
N GLU A 40 9.33 -18.57 -1.87
CA GLU A 40 8.03 -17.92 -1.92
C GLU A 40 7.50 -17.74 -0.49
N LEU A 41 6.59 -16.76 -0.33
CA LEU A 41 5.96 -16.47 0.94
C LEU A 41 4.59 -17.12 0.97
N SER A 42 4.20 -17.56 2.15
CA SER A 42 2.84 -18.01 2.39
C SER A 42 1.88 -16.82 2.56
N ASN A 43 0.57 -17.11 2.64
N ASN A 43 0.58 -17.13 2.64
CA ASN A 43 -0.40 -16.03 2.81
CA ASN A 43 -0.42 -16.09 2.83
C ASN A 43 -0.12 -15.25 4.09
C ASN A 43 -0.13 -15.27 4.08
N GLU A 44 0.14 -15.96 5.20
CA GLU A 44 0.41 -15.25 6.45
C GLU A 44 1.69 -14.41 6.34
N GLU A 45 2.71 -14.96 5.65
CA GLU A 45 3.96 -14.21 5.55
C GLU A 45 3.79 -12.97 4.68
N ARG A 46 2.98 -13.06 3.64
CA ARG A 46 2.70 -11.88 2.81
C ARG A 46 2.01 -10.83 3.63
N CYS A 47 1.06 -11.23 4.49
CA CYS A 47 0.42 -10.29 5.39
C CYS A 47 1.43 -9.63 6.33
N LEU A 48 2.34 -10.41 6.94
CA LEU A 48 3.37 -9.81 7.78
C LEU A 48 4.22 -8.79 7.04
N LEU A 49 4.62 -9.11 5.81
CA LEU A 49 5.41 -8.17 5.02
C LEU A 49 4.63 -6.88 4.78
N SER A 50 3.36 -7.01 4.38
CA SER A 50 2.58 -5.84 4.03
C SER A 50 2.29 -4.99 5.25
N VAL A 51 1.95 -5.62 6.38
CA VAL A 51 1.66 -4.87 7.60
C VAL A 51 2.90 -4.10 8.05
N ALA A 52 4.07 -4.74 8.00
CA ALA A 52 5.28 -4.08 8.48
C ALA A 52 5.56 -2.81 7.67
N TYR A 53 5.63 -2.94 6.36
CA TYR A 53 5.93 -1.79 5.51
C TYR A 53 4.82 -0.77 5.50
N LYS A 54 3.55 -1.18 5.58
CA LYS A 54 2.47 -0.19 5.56
C LYS A 54 2.57 0.68 6.78
N ASN A 55 2.99 0.11 7.92
CA ASN A 55 3.09 0.91 9.13
C ASN A 55 4.32 1.82 9.08
N VAL A 56 5.44 1.34 8.55
CA VAL A 56 6.62 2.21 8.45
C VAL A 56 6.33 3.38 7.52
N VAL A 57 5.88 3.08 6.30
CA VAL A 57 5.66 4.16 5.34
C VAL A 57 4.48 5.01 5.77
N GLY A 58 3.50 4.45 6.49
CA GLY A 58 2.38 5.26 6.93
C GLY A 58 2.82 6.34 7.90
N GLY A 59 3.75 5.99 8.81
CA GLY A 59 4.32 7.00 9.69
C GLY A 59 5.11 8.04 8.94
N GLN A 60 5.89 7.61 7.94
CA GLN A 60 6.65 8.59 7.13
C GLN A 60 5.71 9.55 6.38
N ARG A 61 4.65 9.01 5.76
CA ARG A 61 3.69 9.84 5.05
C ARG A 61 3.02 10.84 5.96
N ALA A 62 2.65 10.41 7.17
CA ALA A 62 2.02 11.33 8.11
C ALA A 62 2.99 12.44 8.46
N ALA A 63 4.26 12.12 8.73
CA ALA A 63 5.24 13.17 9.06
C ALA A 63 5.51 14.09 7.86
N TRP A 64 5.61 13.51 6.65
CA TRP A 64 5.77 14.30 5.44
C TRP A 64 4.62 15.29 5.27
N ARG A 65 3.39 14.88 5.58
CA ARG A 65 2.26 15.77 5.36
C ARG A 65 2.30 16.91 6.36
N VAL A 66 2.72 16.64 7.60
CA VAL A 66 2.84 17.72 8.59
C VAL A 66 3.88 18.72 8.11
N LEU A 67 5.02 18.23 7.65
CA LEU A 67 6.11 19.13 7.26
C LEU A 67 5.78 19.88 5.97
N SER A 68 5.15 19.19 4.99
CA SER A 68 4.77 19.85 3.75
C SER A 68 3.76 20.96 4.02
N SER A 69 2.86 20.76 4.97
CA SER A 69 1.89 21.79 5.35
C SER A 69 2.61 22.99 5.95
N ILE A 70 3.56 22.76 6.85
CA ILE A 70 4.31 23.87 7.43
C ILE A 70 5.08 24.60 6.33
N GLU A 71 5.66 23.85 5.40
CA GLU A 71 6.43 24.45 4.34
C GLU A 71 5.56 25.33 3.45
N GLN A 72 4.35 24.86 3.13
CA GLN A 72 3.44 25.65 2.30
C GLN A 72 3.04 26.95 3.00
N LYS A 73 2.73 26.89 4.29
CA LYS A 73 2.41 28.10 5.05
C LYS A 73 3.59 29.06 5.12
N SER A 74 4.81 28.53 5.24
CA SER A 74 6.01 29.36 5.26
C SER A 74 6.25 30.07 3.94
N ASN A 75 5.67 29.56 2.86
CA ASN A 75 5.86 30.12 1.53
C ASN A 75 4.70 31.01 1.09
N GLU A 76 3.72 31.27 1.96
CA GLU A 76 2.66 32.20 1.62
C GLU A 76 3.16 33.64 1.73
N GLU A 77 2.37 34.57 1.22
CA GLU A 77 2.73 35.99 1.30
C GLU A 77 2.40 36.55 2.68
N GLY A 78 3.30 37.37 3.21
CA GLY A 78 3.18 37.87 4.56
C GLY A 78 3.80 36.98 5.61
N SER A 79 4.22 35.76 5.24
CA SER A 79 4.90 34.86 6.16
C SER A 79 6.36 35.28 6.28
N GLU A 80 6.90 35.13 7.49
CA GLU A 80 8.29 35.53 7.73
C GLU A 80 9.22 34.44 7.26
N GLU A 81 10.26 34.83 6.52
CA GLU A 81 11.23 33.88 6.00
C GLU A 81 11.91 33.16 7.15
N LYS A 82 11.81 31.84 7.19
CA LYS A 82 12.47 31.08 8.23
C LYS A 82 13.71 30.34 7.73
N GLY A 83 14.14 30.60 6.49
CA GLY A 83 15.34 29.99 5.97
C GLY A 83 15.07 28.61 5.40
N PRO A 84 16.12 27.84 5.12
CA PRO A 84 15.96 26.58 4.38
C PRO A 84 15.55 25.40 5.24
N GLU A 85 15.39 25.58 6.55
CA GLU A 85 15.31 24.41 7.42
C GLU A 85 14.06 23.57 7.17
N VAL A 86 12.89 24.21 6.95
CA VAL A 86 11.67 23.44 6.79
C VAL A 86 11.77 22.59 5.54
N ARG A 87 12.19 23.19 4.44
CA ARG A 87 12.38 22.45 3.20
C ARG A 87 13.41 21.33 3.38
N GLU A 88 14.56 21.63 4.03
CA GLU A 88 15.58 20.61 4.21
C GLU A 88 15.01 19.43 4.98
N TYR A 89 14.29 19.69 6.07
CA TYR A 89 13.81 18.57 6.87
C TYR A 89 12.68 17.79 6.19
N ARG A 90 11.79 18.51 5.46
CA ARG A 90 10.80 17.83 4.63
C ARG A 90 11.49 16.96 3.58
N GLU A 91 12.55 17.46 2.97
CA GLU A 91 13.33 16.68 2.00
C GLU A 91 13.97 15.45 2.65
N LYS A 92 14.48 15.58 3.87
CA LYS A 92 15.08 14.44 4.56
C LYS A 92 14.04 13.35 4.78
N VAL A 93 12.87 13.72 5.29
CA VAL A 93 11.82 12.72 5.50
C VAL A 93 11.38 12.15 4.15
N GLU A 94 11.28 12.99 3.12
CA GLU A 94 10.88 12.54 1.80
C GLU A 94 11.87 11.53 1.22
N THR A 95 13.17 11.77 1.41
CA THR A 95 14.16 10.85 0.88
C THR A 95 14.12 9.51 1.61
N GLU A 96 13.91 9.55 2.93
N GLU A 96 13.89 9.53 2.93
CA GLU A 96 13.75 8.30 3.69
CA GLU A 96 13.76 8.27 3.67
C GLU A 96 12.53 7.51 3.22
C GLU A 96 12.52 7.50 3.24
N LEU A 97 11.40 8.19 3.01
CA LEU A 97 10.19 7.54 2.49
C LEU A 97 10.46 6.91 1.13
N GLN A 98 11.09 7.66 0.24
CA GLN A 98 11.39 7.13 -1.09
C GLN A 98 12.30 5.93 -1.00
N GLY A 99 13.23 5.94 -0.04
CA GLY A 99 14.08 4.78 0.14
C GLY A 99 13.32 3.55 0.57
N VAL A 100 12.35 3.71 1.49
CA VAL A 100 11.53 2.58 1.90
C VAL A 100 10.70 2.07 0.71
N CYS A 101 10.10 2.97 -0.06
CA CYS A 101 9.35 2.53 -1.22
C CYS A 101 10.23 1.78 -2.21
N ASP A 102 11.44 2.28 -2.47
CA ASP A 102 12.33 1.63 -3.42
C ASP A 102 12.74 0.27 -2.89
N THR A 103 12.88 0.16 -1.56
CA THR A 103 13.19 -1.16 -0.98
C THR A 103 12.06 -2.15 -1.22
N VAL A 104 10.80 -1.75 -0.93
CA VAL A 104 9.68 -2.68 -1.16
C VAL A 104 9.57 -3.03 -2.63
N LEU A 105 9.65 -2.02 -3.50
CA LEU A 105 9.55 -2.26 -4.93
C LEU A 105 10.65 -3.18 -5.39
N GLY A 106 11.83 -3.05 -4.78
CA GLY A 106 12.90 -3.95 -5.14
C GLY A 106 12.63 -5.39 -4.73
N LEU A 107 12.03 -5.60 -3.53
CA LEU A 107 11.69 -6.97 -3.13
C LEU A 107 10.67 -7.56 -4.10
N LEU A 108 9.69 -6.73 -4.50
CA LEU A 108 8.68 -7.22 -5.44
C LEU A 108 9.28 -7.59 -6.79
N ASP A 109 10.24 -6.81 -7.26
CA ASP A 109 10.84 -7.06 -8.58
C ASP A 109 11.92 -8.12 -8.51
N SER A 110 12.47 -8.38 -7.32
CA SER A 110 13.59 -9.33 -7.18
C SER A 110 13.33 -10.21 -5.95
N HIS A 111 12.44 -11.21 -6.03
CA HIS A 111 11.82 -11.72 -7.24
C HIS A 111 10.40 -12.21 -6.94
N LEU A 112 9.73 -11.50 -6.03
CA LEU A 112 8.43 -11.97 -5.57
C LEU A 112 7.39 -12.08 -6.68
N ILE A 113 7.25 -11.04 -7.51
CA ILE A 113 6.20 -11.07 -8.53
C ILE A 113 6.44 -12.18 -9.55
N LYS A 114 7.67 -12.35 -10.03
CA LYS A 114 7.89 -13.27 -11.13
C LYS A 114 7.68 -14.71 -10.71
N GLU A 115 7.81 -15.05 -9.42
CA GLU A 115 7.57 -16.40 -8.96
C GLU A 115 6.14 -16.62 -8.49
N ALA A 116 5.31 -15.57 -8.49
CA ALA A 116 3.94 -15.66 -7.95
C ALA A 116 2.98 -16.08 -9.08
N GLY A 117 2.59 -17.35 -9.05
CA GLY A 117 1.69 -17.91 -10.08
C GLY A 117 0.24 -18.06 -9.67
N ASP A 118 -0.04 -18.17 -8.40
CA ASP A 118 -1.44 -18.25 -7.97
C ASP A 118 -2.01 -16.85 -7.87
N ALA A 119 -3.32 -16.73 -8.14
CA ALA A 119 -3.92 -15.40 -8.11
C ALA A 119 -3.75 -14.69 -6.75
N GLU A 120 -3.93 -15.42 -5.65
N GLU A 120 -3.92 -15.41 -5.63
CA GLU A 120 -3.87 -14.80 -4.33
CA GLU A 120 -3.88 -14.75 -4.31
C GLU A 120 -2.53 -14.16 -4.08
C GLU A 120 -2.50 -14.19 -4.00
N SER A 121 -1.45 -14.77 -4.57
CA SER A 121 -0.15 -14.16 -4.32
C SER A 121 0.12 -13.08 -5.34
N ARG A 122 -0.14 -13.35 -6.64
CA ARG A 122 0.20 -12.39 -7.67
C ARG A 122 -0.59 -11.10 -7.53
N VAL A 123 -1.89 -11.19 -7.28
CA VAL A 123 -2.71 -9.99 -7.05
C VAL A 123 -2.21 -9.24 -5.83
N PHE A 124 -1.88 -9.95 -4.73
CA PHE A 124 -1.38 -9.27 -3.52
C PHE A 124 -0.13 -8.45 -3.84
N TYR A 125 0.82 -9.05 -4.56
CA TYR A 125 2.07 -8.35 -4.82
C TYR A 125 1.88 -7.22 -5.80
N LEU A 126 1.02 -7.39 -6.82
CA LEU A 126 0.81 -6.30 -7.77
C LEU A 126 0.07 -5.15 -7.11
N LYS A 127 -0.84 -5.46 -6.15
CA LYS A 127 -1.45 -4.40 -5.35
C LYS A 127 -0.39 -3.64 -4.55
N MET A 128 0.53 -4.37 -3.91
CA MET A 128 1.61 -3.68 -3.18
C MET A 128 2.44 -2.83 -4.13
N LYS A 129 2.71 -3.33 -5.33
CA LYS A 129 3.48 -2.52 -6.28
C LYS A 129 2.76 -1.21 -6.62
N GLY A 130 1.45 -1.29 -6.88
CA GLY A 130 0.68 -0.06 -7.08
C GLY A 130 0.70 0.85 -5.86
N ASP A 131 0.60 0.27 -4.67
CA ASP A 131 0.59 1.06 -3.44
C ASP A 131 1.90 1.85 -3.30
N TYR A 132 3.06 1.18 -3.51
CA TYR A 132 4.31 1.88 -3.22
C TYR A 132 4.68 2.85 -4.34
N TYR A 133 4.28 2.58 -5.61
CA TYR A 133 4.36 3.66 -6.59
C TYR A 133 3.41 4.81 -6.25
N ARG A 134 2.25 4.53 -5.65
CA ARG A 134 1.35 5.58 -5.27
C ARG A 134 1.97 6.44 -4.19
N TYR A 135 2.67 5.82 -3.21
CA TYR A 135 3.33 6.64 -2.21
C TYR A 135 4.46 7.49 -2.80
N LEU A 136 5.18 6.94 -3.78
CA LEU A 136 6.16 7.76 -4.51
C LEU A 136 5.47 8.91 -5.23
N ALA A 137 4.29 8.65 -5.80
CA ALA A 137 3.58 9.68 -6.55
C ALA A 137 3.10 10.81 -5.65
N GLU A 138 2.78 10.52 -4.38
CA GLU A 138 2.31 11.52 -3.44
C GLU A 138 3.36 12.61 -3.24
N VAL A 139 4.66 12.29 -3.39
CA VAL A 139 5.74 13.26 -3.12
C VAL A 139 6.48 13.65 -4.39
N ALA A 140 6.07 13.13 -5.54
CA ALA A 140 6.83 13.32 -6.77
C ALA A 140 6.53 14.67 -7.38
N THR A 141 7.57 15.32 -7.92
CA THR A 141 7.46 16.61 -8.60
C THR A 141 8.27 16.73 -9.89
N GLY A 142 9.18 15.80 -10.20
CA GLY A 142 10.13 15.97 -11.29
C GLY A 142 9.69 15.43 -12.64
N ASP A 143 10.68 15.30 -13.54
CA ASP A 143 10.45 14.82 -14.91
C ASP A 143 9.76 13.47 -14.92
N ASP A 144 9.91 12.68 -13.84
CA ASP A 144 9.43 11.31 -13.79
C ASP A 144 8.06 11.16 -13.15
N LYS A 145 7.42 12.25 -12.72
CA LYS A 145 6.16 12.16 -12.00
C LYS A 145 5.10 11.40 -12.79
N LYS A 146 4.92 11.73 -14.07
CA LYS A 146 3.89 11.02 -14.83
C LYS A 146 4.20 9.55 -14.95
N ARG A 147 5.49 9.20 -15.11
CA ARG A 147 5.82 7.79 -15.22
C ARG A 147 5.60 7.08 -13.90
N ILE A 148 5.83 7.77 -12.76
CA ILE A 148 5.57 7.14 -11.46
C ILE A 148 4.08 6.83 -11.33
N ILE A 149 3.25 7.81 -11.68
CA ILE A 149 1.81 7.65 -11.67
C ILE A 149 1.39 6.53 -12.58
N ASP A 150 1.96 6.45 -13.78
CA ASP A 150 1.58 5.38 -14.66
C ASP A 150 2.06 4.01 -14.20
N SER A 151 3.19 3.95 -13.47
CA SER A 151 3.63 2.67 -12.94
C SER A 151 2.66 2.18 -11.88
N ALA A 152 2.12 3.09 -11.05
CA ALA A 152 1.10 2.68 -10.10
C ALA A 152 -0.12 2.16 -10.83
N ARG A 153 -0.60 2.92 -11.83
CA ARG A 153 -1.82 2.55 -12.55
C ARG A 153 -1.65 1.21 -13.22
N SER A 154 -0.51 0.99 -13.87
CA SER A 154 -0.24 -0.26 -14.59
C SER A 154 -0.24 -1.47 -13.65
N ALA A 155 0.41 -1.34 -12.48
CA ALA A 155 0.41 -2.43 -11.54
C ALA A 155 -1.00 -2.73 -11.01
N TYR A 156 -1.72 -1.67 -10.60
CA TYR A 156 -3.10 -1.85 -10.16
C TYR A 156 -3.95 -2.46 -11.25
N GLN A 157 -3.76 -2.05 -12.51
CA GLN A 157 -4.62 -2.56 -13.58
C GLN A 157 -4.37 -4.04 -13.83
N GLU A 158 -3.09 -4.46 -13.83
CA GLU A 158 -2.81 -5.89 -13.97
C GLU A 158 -3.42 -6.69 -12.82
N ALA A 159 -3.32 -6.19 -11.59
CA ALA A 159 -3.91 -6.88 -10.46
C ALA A 159 -5.42 -6.98 -10.63
N MET A 160 -6.06 -5.87 -11.05
CA MET A 160 -7.50 -5.89 -11.29
C MET A 160 -7.87 -6.92 -12.33
N ASP A 161 -7.10 -6.99 -13.41
CA ASP A 161 -7.48 -7.91 -14.48
C ASP A 161 -7.42 -9.37 -13.99
N ILE A 162 -6.36 -9.72 -13.24
CA ILE A 162 -6.26 -11.07 -12.71
C ILE A 162 -7.36 -11.32 -11.70
N SER A 163 -7.63 -10.33 -10.83
CA SER A 163 -8.60 -10.54 -9.75
C SER A 163 -9.99 -10.75 -10.32
N LYS A 164 -10.32 -10.07 -11.43
CA LYS A 164 -11.66 -10.22 -11.99
C LYS A 164 -11.83 -11.58 -12.64
N LYS A 165 -10.75 -12.15 -13.15
CA LYS A 165 -10.83 -13.47 -13.79
C LYS A 165 -10.78 -14.61 -12.81
N GLU A 166 -10.05 -14.45 -11.69
CA GLU A 166 -9.63 -15.57 -10.87
C GLU A 166 -10.13 -15.58 -9.44
N MET A 167 -10.71 -14.49 -8.94
CA MET A 167 -11.19 -14.38 -7.59
C MET A 167 -12.65 -13.98 -7.53
N PRO A 168 -13.38 -14.45 -6.52
CA PRO A 168 -14.76 -14.01 -6.36
C PRO A 168 -14.79 -12.54 -5.98
N PRO A 169 -15.92 -11.89 -6.18
CA PRO A 169 -15.98 -10.45 -5.91
C PRO A 169 -15.92 -10.11 -4.45
N THR A 170 -16.08 -11.07 -3.53
CA THR A 170 -15.90 -10.80 -2.11
C THR A 170 -14.49 -11.10 -1.60
N ASN A 171 -13.58 -11.60 -2.43
CA ASN A 171 -12.26 -11.96 -1.92
CA ASN A 171 -12.26 -11.96 -1.92
C ASN A 171 -11.62 -10.71 -1.30
N PRO A 172 -11.15 -10.77 -0.04
CA PRO A 172 -10.64 -9.55 0.60
C PRO A 172 -9.45 -8.90 -0.10
N ILE A 173 -8.61 -9.67 -0.81
CA ILE A 173 -7.51 -9.07 -1.58
C ILE A 173 -8.06 -8.30 -2.77
N ARG A 174 -9.03 -8.90 -3.49
CA ARG A 174 -9.69 -8.20 -4.59
C ARG A 174 -10.38 -6.94 -4.09
N LEU A 175 -11.06 -7.01 -2.93
CA LEU A 175 -11.70 -5.81 -2.36
C LEU A 175 -10.68 -4.74 -1.97
N GLY A 176 -9.58 -5.15 -1.29
CA GLY A 176 -8.59 -4.17 -0.85
C GLY A 176 -7.87 -3.53 -2.01
N LEU A 177 -7.60 -4.32 -3.06
CA LEU A 177 -7.07 -3.78 -4.29
C LEU A 177 -7.97 -2.72 -4.84
N ALA A 178 -9.28 -3.01 -4.96
CA ALA A 178 -10.21 -2.03 -5.54
C ALA A 178 -10.33 -0.78 -4.67
N LEU A 179 -10.38 -0.96 -3.36
CA LEU A 179 -10.37 0.18 -2.45
C LEU A 179 -9.19 1.09 -2.74
N ASN A 180 -8.02 0.50 -2.83
CA ASN A 180 -6.81 1.34 -2.98
C ASN A 180 -6.68 1.91 -4.39
N PHE A 181 -7.07 1.16 -5.46
CA PHE A 181 -7.03 1.72 -6.79
C PHE A 181 -8.02 2.84 -6.91
N SER A 182 -9.17 2.74 -6.21
CA SER A 182 -10.12 3.84 -6.22
C SER A 182 -9.52 5.07 -5.58
N VAL A 183 -8.80 4.90 -4.44
CA VAL A 183 -8.09 6.04 -3.83
C VAL A 183 -7.02 6.61 -4.76
N PHE A 184 -6.28 5.74 -5.46
CA PHE A 184 -5.36 6.21 -6.50
C PHE A 184 -6.09 7.14 -7.49
N HIS A 185 -7.24 6.70 -7.99
CA HIS A 185 -7.95 7.54 -8.96
C HIS A 185 -8.33 8.89 -8.38
N TYR A 186 -8.80 8.91 -7.12
CA TYR A 186 -9.27 10.14 -6.51
C TYR A 186 -8.12 11.08 -6.19
N GLU A 187 -7.09 10.55 -5.53
CA GLU A 187 -6.06 11.41 -4.91
C GLU A 187 -4.87 11.65 -5.83
N ILE A 188 -4.55 10.73 -6.72
CA ILE A 188 -3.34 10.79 -7.55
C ILE A 188 -3.67 11.17 -8.98
N ALA A 189 -4.63 10.48 -9.60
CA ALA A 189 -4.90 10.67 -11.00
C ALA A 189 -5.92 11.77 -11.26
N ASN A 190 -6.41 12.45 -10.26
CA ASN A 190 -7.38 13.54 -10.50
C ASN A 190 -8.61 13.04 -11.24
N SER A 191 -9.06 11.83 -10.88
CA SER A 191 -10.17 11.17 -11.58
C SER A 191 -11.21 10.79 -10.55
N PRO A 192 -11.86 11.75 -9.88
CA PRO A 192 -12.85 11.38 -8.84
C PRO A 192 -14.02 10.57 -9.38
N GLU A 193 -14.46 10.78 -10.62
CA GLU A 193 -15.58 9.98 -11.11
C GLU A 193 -15.18 8.55 -11.24
N GLU A 194 -13.97 8.24 -11.73
CA GLU A 194 -13.52 6.85 -11.81
C GLU A 194 -13.37 6.22 -10.43
N ALA A 195 -12.89 7.00 -9.47
CA ALA A 195 -12.78 6.53 -8.08
C ALA A 195 -14.13 6.11 -7.52
N ILE A 196 -15.13 6.97 -7.71
CA ILE A 196 -16.47 6.72 -7.20
C ILE A 196 -17.10 5.53 -7.92
N SER A 197 -16.98 5.45 -9.26
CA SER A 197 -17.54 4.32 -10.00
C SER A 197 -16.91 3.01 -9.55
N LEU A 198 -15.59 2.99 -9.37
CA LEU A 198 -14.96 1.74 -9.00
C LEU A 198 -15.38 1.33 -7.61
N ALA A 199 -15.42 2.27 -6.66
CA ALA A 199 -15.85 1.91 -5.32
C ALA A 199 -17.29 1.37 -5.31
N LYS A 200 -18.20 2.02 -6.06
CA LYS A 200 -19.62 1.61 -6.06
C LYS A 200 -19.78 0.25 -6.70
N THR A 201 -19.18 0.04 -7.86
CA THR A 201 -19.33 -1.24 -8.56
C THR A 201 -18.72 -2.36 -7.72
N THR A 202 -17.57 -2.11 -7.10
CA THR A 202 -16.95 -3.13 -6.24
C THR A 202 -17.86 -3.47 -5.08
N PHE A 203 -18.45 -2.45 -4.44
CA PHE A 203 -19.30 -2.69 -3.27
C PHE A 203 -20.52 -3.51 -3.68
N ASP A 204 -21.14 -3.15 -4.79
CA ASP A 204 -22.38 -3.80 -5.21
C ASP A 204 -22.14 -5.23 -5.63
N GLU A 205 -21.04 -5.49 -6.31
CA GLU A 205 -20.76 -6.86 -6.72
C GLU A 205 -20.41 -7.74 -5.55
N ALA A 206 -19.74 -7.17 -4.54
CA ALA A 206 -19.47 -7.94 -3.32
C ALA A 206 -20.75 -8.23 -2.57
N MET A 207 -21.63 -7.22 -2.44
CA MET A 207 -22.90 -7.41 -1.74
C MET A 207 -23.66 -8.62 -2.30
N ALA A 208 -23.73 -8.72 -3.61
CA ALA A 208 -24.46 -9.79 -4.26
C ALA A 208 -23.83 -11.15 -4.10
N ASP A 209 -22.60 -11.25 -3.61
CA ASP A 209 -21.92 -12.53 -3.46
C ASP A 209 -21.75 -12.91 -1.98
N LEU A 210 -22.18 -12.08 -1.04
CA LEU A 210 -22.01 -12.38 0.38
C LEU A 210 -22.78 -13.64 0.79
N HIS A 211 -23.87 -13.95 0.10
CA HIS A 211 -24.70 -15.09 0.45
C HIS A 211 -23.94 -16.40 0.35
N THR A 212 -22.81 -16.42 -0.34
CA THR A 212 -22.05 -17.63 -0.55
C THR A 212 -21.07 -17.89 0.58
N LEU A 213 -20.91 -16.96 1.48
CA LEU A 213 -19.81 -16.97 2.43
C LEU A 213 -20.19 -17.55 3.78
N SER A 214 -19.19 -18.14 4.42
CA SER A 214 -19.29 -18.50 5.83
C SER A 214 -19.29 -17.24 6.69
N GLU A 215 -19.58 -17.41 7.98
CA GLU A 215 -19.59 -16.27 8.89
C GLU A 215 -18.21 -15.61 8.98
N ASP A 216 -17.15 -16.42 8.99
CA ASP A 216 -15.82 -15.82 9.08
C ASP A 216 -15.47 -15.04 7.81
N SER A 217 -15.77 -15.61 6.63
CA SER A 217 -15.46 -14.91 5.38
C SER A 217 -16.30 -13.66 5.23
N TYR A 218 -17.57 -13.73 5.65
CA TYR A 218 -18.44 -12.57 5.66
C TYR A 218 -17.83 -11.43 6.48
N LYS A 219 -17.25 -11.72 7.66
CA LYS A 219 -16.69 -10.64 8.47
C LYS A 219 -15.56 -9.95 7.73
N ASP A 220 -14.66 -10.71 7.09
CA ASP A 220 -13.53 -10.12 6.38
C ASP A 220 -14.01 -9.27 5.21
N SER A 221 -14.95 -9.79 4.43
CA SER A 221 -15.41 -9.05 3.27
C SER A 221 -16.18 -7.80 3.65
N THR A 222 -17.09 -7.90 4.64
CA THR A 222 -17.85 -6.73 5.02
C THR A 222 -16.98 -5.67 5.66
N LEU A 223 -15.87 -6.05 6.31
CA LEU A 223 -14.98 -5.01 6.84
C LEU A 223 -14.47 -4.10 5.72
N ILE A 224 -14.03 -4.70 4.62
CA ILE A 224 -13.53 -3.88 3.52
C ILE A 224 -14.66 -3.18 2.80
N MET A 225 -15.83 -3.82 2.69
CA MET A 225 -16.95 -3.12 2.08
C MET A 225 -17.32 -1.87 2.84
N GLN A 226 -17.20 -1.90 4.19
CA GLN A 226 -17.47 -0.69 4.96
C GLN A 226 -16.48 0.43 4.63
N LEU A 227 -15.22 0.08 4.36
CA LEU A 227 -14.26 1.12 3.97
C LEU A 227 -14.60 1.73 2.62
N LEU A 228 -15.07 0.90 1.67
CA LEU A 228 -15.52 1.45 0.40
C LEU A 228 -16.68 2.42 0.61
N ARG A 229 -17.63 2.03 1.50
CA ARG A 229 -18.75 2.91 1.77
C ARG A 229 -18.29 4.19 2.45
N ASP A 230 -17.33 4.08 3.38
CA ASP A 230 -16.80 5.26 4.05
C ASP A 230 -16.20 6.23 3.03
N ASN A 231 -15.44 5.71 2.06
CA ASN A 231 -14.85 6.60 1.08
C ASN A 231 -15.93 7.21 0.22
N LEU A 232 -16.89 6.42 -0.25
CA LEU A 232 -18.00 6.97 -1.03
C LEU A 232 -18.72 8.08 -0.28
N THR A 233 -18.87 7.94 1.04
CA THR A 233 -19.51 8.99 1.85
C THR A 233 -18.66 10.24 1.91
N LEU A 234 -17.34 10.09 1.99
CA LEU A 234 -16.45 11.24 1.97
C LEU A 234 -16.51 11.98 0.65
N TRP A 235 -16.75 11.27 -0.46
CA TRP A 235 -16.59 11.81 -1.81
C TRP A 235 -17.89 12.28 -2.44
N THR A 236 -19.03 12.01 -1.81
CA THR A 236 -20.31 12.30 -2.45
C THR A 236 -21.25 13.07 -1.53
N GLY B 3 -9.29 14.69 6.49
CA GLY B 3 -10.28 13.79 5.90
C GLY B 3 -9.69 12.94 4.78
N PHE B 4 -8.70 12.03 5.18
CA PHE B 4 -7.96 11.15 4.29
C PHE B 4 -8.70 9.83 4.11
N PRO B 5 -8.70 9.29 2.90
CA PRO B 5 -9.54 8.13 2.62
C PRO B 5 -8.88 6.84 3.07
N ALA B 6 -9.72 5.83 3.25
CA ALA B 6 -9.32 4.56 3.75
C ALA B 6 -8.61 3.74 2.66
N TPO B 7 -7.49 3.12 3.02
CA TPO B 7 -6.76 2.17 2.20
CB TPO B 7 -5.53 2.81 1.46
CG2 TPO B 7 -5.98 3.84 0.43
OG1 TPO B 7 -4.75 3.37 2.55
P TPO B 7 -3.26 3.94 2.23
O1P TPO B 7 -2.70 4.05 3.72
O2P TPO B 7 -3.36 5.24 1.57
O3P TPO B 7 -2.56 2.89 1.45
C TPO B 7 -6.34 1.02 3.11
O TPO B 7 -6.24 1.20 4.36
N VAL B 8 -6.13 -0.15 2.53
CA VAL B 8 -5.65 -1.32 3.27
C VAL B 8 -4.40 -1.93 2.74
MG MG C . -14.91 -0.57 -15.09
MG MG D . 18.14 -22.11 6.58
C1 T5Q E . -7.88 -7.45 5.52
C2 T5Q E . -6.50 -7.22 3.47
C3 T5Q E . -6.59 -7.14 2.09
C4 T5Q E . -5.54 -6.68 1.33
C5 T5Q E . -4.38 -6.21 1.94
C6 T5Q E . -4.28 -6.29 3.31
C7 T5Q E . -5.32 -6.75 4.08
C9 T5Q E . -6.81 -8.01 6.45
C8 T5Q E . -9.22 -8.16 5.76
N T5Q E . -6.20 -9.14 6.07
C T5Q E . -8.04 -5.93 5.75
O T5Q E . -7.57 -7.74 4.15
C10 T5Q E . -4.99 -9.61 6.77
C11 T5Q E . -3.75 -8.76 6.50
F T5Q E . -5.69 -6.59 0.01
F1 T5Q E . -3.17 -5.87 3.96
O1 T5Q E . -6.51 -7.41 7.48
S T5Q E . -2.92 -9.33 4.98
#